data_1J4U
#
_entry.id   1J4U
#
_cell.length_a   129.20
_cell.length_b   129.20
_cell.length_c   78.61
_cell.angle_alpha   90.00
_cell.angle_beta   90.00
_cell.angle_gamma   120.00
#
_symmetry.space_group_name_H-M   'P 61'
#
loop_
_entity.id
_entity.type
_entity.pdbx_description
1 polymer Artocarpin
2 non-polymer 'methyl alpha-D-mannopyranoside'
3 water water
#
_entity_poly.entity_id   1
_entity_poly.type   'polypeptide(L)'
_entity_poly.pdbx_seq_one_letter_code
;(AYA)SQTITVGSWGGPGGNGWDEGSYTGIRQIELSYKEAIGSFSVIYDLNGDPFSGPKHTSKLPYKNVKIELKFPDEFL
ESVSGYTGPFSALATPTPVVRSLTFKTNKGRTFGPYGDEEGTYFNLPIENGLIVGFKGRTGDLLDAIGIHMSL
;
_entity_poly.pdbx_strand_id   A,B,C,D
#
loop_
_chem_comp.id
_chem_comp.type
_chem_comp.name
_chem_comp.formula
MMA D-saccharide 'methyl alpha-D-mannopyranoside' 'C7 H14 O6'
#
# COMPACT_ATOMS: atom_id res chain seq x y z
N AYA A 1 12.95 -5.15 1.90
CA AYA A 1 13.34 -4.22 0.79
CB AYA A 1 14.64 -3.85 0.11
C AYA A 1 11.86 -3.87 0.79
O AYA A 1 11.73 -4.16 -0.38
CT AYA A 1 13.47 -6.05 2.73
OT AYA A 1 14.19 -5.66 3.66
CM AYA A 1 13.11 -7.50 2.57
N SER A 2 11.01 -2.79 1.19
CA SER A 2 9.66 -2.24 1.24
C SER A 2 9.45 -1.33 0.05
N GLN A 3 8.71 -1.63 -1.04
CA GLN A 3 8.73 -0.97 -2.33
C GLN A 3 7.68 0.14 -2.27
N THR A 4 7.62 1.07 -3.21
CA THR A 4 6.63 2.14 -3.15
C THR A 4 6.12 2.44 -4.56
N ILE A 5 4.84 2.63 -4.85
CA ILE A 5 4.42 2.93 -6.21
C ILE A 5 5.33 3.99 -6.80
N THR A 6 6.06 3.76 -7.89
CA THR A 6 6.92 4.76 -8.47
C THR A 6 6.30 5.19 -9.78
N VAL A 7 6.16 6.48 -10.07
CA VAL A 7 5.52 6.88 -11.29
C VAL A 7 6.29 7.81 -12.19
N GLY A 8 6.10 7.69 -13.50
CA GLY A 8 6.74 8.55 -14.44
C GLY A 8 8.20 8.33 -14.80
N SER A 9 8.96 9.43 -14.76
CA SER A 9 10.36 9.57 -15.13
C SER A 9 10.08 10.41 -16.33
N TRP A 10 9.78 11.70 -16.17
CA TRP A 10 9.49 12.60 -17.28
C TRP A 10 10.82 13.23 -17.67
N GLY A 11 11.17 13.39 -18.93
CA GLY A 11 12.45 13.99 -19.26
C GLY A 11 13.28 13.07 -20.14
N GLY A 12 14.58 13.29 -20.34
CA GLY A 12 15.37 12.41 -21.19
C GLY A 12 16.28 11.46 -20.45
N PRO A 13 17.01 10.61 -21.18
CA PRO A 13 17.95 9.63 -20.62
C PRO A 13 19.33 10.22 -20.40
N GLY A 14 19.54 11.53 -20.57
CA GLY A 14 20.85 12.12 -20.37
C GLY A 14 21.35 12.10 -18.94
N GLY A 15 22.52 12.65 -18.63
CA GLY A 15 23.04 12.67 -17.27
C GLY A 15 23.08 11.34 -16.52
N ASN A 16 23.35 11.30 -15.21
CA ASN A 16 23.41 10.07 -14.40
C ASN A 16 22.17 9.87 -13.56
N GLY A 17 21.63 8.66 -13.46
CA GLY A 17 20.46 8.44 -12.63
C GLY A 17 20.68 8.56 -11.13
N TRP A 18 19.61 8.70 -10.35
CA TRP A 18 19.69 8.81 -8.91
C TRP A 18 18.30 8.54 -8.36
N ASP A 19 18.15 7.91 -7.20
CA ASP A 19 16.86 7.66 -6.60
C ASP A 19 17.05 7.91 -5.12
N GLU A 20 16.47 8.97 -4.55
CA GLU A 20 16.59 9.29 -3.14
C GLU A 20 15.80 8.32 -2.29
N GLY A 21 14.85 7.55 -2.81
CA GLY A 21 14.13 6.60 -1.99
C GLY A 21 12.82 7.04 -1.39
N SER A 22 12.23 6.30 -0.46
CA SER A 22 10.96 6.68 0.14
C SER A 22 11.14 7.24 1.53
N TYR A 23 10.32 8.19 1.96
CA TYR A 23 10.39 8.77 3.28
C TYR A 23 9.00 8.90 3.85
N THR A 24 8.74 9.69 4.90
CA THR A 24 7.42 9.83 5.48
C THR A 24 6.72 10.96 4.81
N GLY A 25 7.41 11.99 4.33
CA GLY A 25 6.69 13.06 3.69
C GLY A 25 7.69 14.06 3.17
N ILE A 26 7.28 15.19 2.63
CA ILE A 26 8.21 16.17 2.12
C ILE A 26 8.10 17.46 2.90
N ARG A 27 9.22 18.06 3.33
CA ARG A 27 9.22 19.29 4.09
C ARG A 27 9.71 20.48 3.30
N GLN A 28 10.82 20.40 2.59
CA GLN A 28 11.32 21.55 1.85
C GLN A 28 11.90 21.12 0.50
N ILE A 29 11.81 21.92 -0.56
CA ILE A 29 12.38 21.57 -1.86
C ILE A 29 13.34 22.66 -2.29
N GLU A 30 14.56 22.37 -2.73
CA GLU A 30 15.51 23.39 -3.16
C GLU A 30 15.89 23.15 -4.62
N LEU A 31 15.75 24.09 -5.54
CA LEU A 31 16.09 23.84 -6.93
C LEU A 31 16.66 25.10 -7.55
N SER A 32 17.56 25.02 -8.53
CA SER A 32 18.12 26.21 -9.18
C SER A 32 17.54 26.22 -10.58
N TYR A 33 17.32 27.36 -11.23
CA TYR A 33 16.75 27.37 -12.56
C TYR A 33 17.14 28.58 -13.38
N LYS A 34 16.91 28.57 -14.68
CA LYS A 34 17.21 29.68 -15.57
C LYS A 34 16.43 29.34 -16.83
N GLU A 35 17.04 28.79 -17.89
CA GLU A 35 16.33 28.42 -19.11
C GLU A 35 15.82 27.01 -18.91
N ALA A 36 16.26 26.29 -17.87
CA ALA A 36 15.84 24.93 -17.57
C ALA A 36 16.05 24.70 -16.07
N ILE A 37 15.80 23.51 -15.50
CA ILE A 37 16.00 23.26 -14.08
C ILE A 37 17.37 22.67 -13.88
N GLY A 38 18.23 23.17 -12.98
CA GLY A 38 19.54 22.61 -12.83
C GLY A 38 19.68 21.80 -11.57
N SER A 39 19.91 22.41 -10.41
CA SER A 39 20.07 21.69 -9.15
C SER A 39 18.73 21.29 -8.57
N PHE A 40 18.61 20.14 -7.91
CA PHE A 40 17.35 19.70 -7.34
C PHE A 40 17.61 18.78 -6.15
N SER A 41 17.47 19.22 -4.90
CA SER A 41 17.70 18.40 -3.73
C SER A 41 16.50 18.65 -2.82
N VAL A 42 16.05 17.71 -1.99
CA VAL A 42 14.88 17.98 -1.16
C VAL A 42 15.05 17.54 0.28
N ILE A 43 14.37 18.14 1.26
CA ILE A 43 14.48 17.74 2.66
C ILE A 43 13.21 16.99 3.02
N TYR A 44 13.26 15.69 3.27
CA TYR A 44 12.06 14.90 3.57
C TYR A 44 11.68 14.88 5.02
N ASP A 45 10.61 14.20 5.40
CA ASP A 45 10.25 14.09 6.80
C ASP A 45 10.46 12.63 7.10
N LEU A 46 11.29 12.22 8.04
CA LEU A 46 11.46 10.81 8.35
C LEU A 46 10.81 10.55 9.70
N ASN A 47 9.53 10.17 9.77
CA ASN A 47 8.84 9.88 11.03
C ASN A 47 8.81 11.09 11.96
N GLY A 48 8.60 12.31 11.49
CA GLY A 48 8.58 13.43 12.40
C GLY A 48 9.83 14.30 12.32
N ASP A 49 11.03 13.76 12.19
CA ASP A 49 12.24 14.57 12.11
C ASP A 49 12.59 14.85 10.66
N PRO A 50 13.01 16.08 10.37
CA PRO A 50 13.37 16.44 8.99
C PRO A 50 14.60 15.67 8.53
N PHE A 51 14.63 15.09 7.35
CA PHE A 51 15.79 14.33 6.92
C PHE A 51 16.23 14.91 5.59
N SER A 52 17.42 15.49 5.44
CA SER A 52 17.83 16.04 4.16
C SER A 52 18.31 14.94 3.25
N GLY A 53 17.78 14.75 2.05
CA GLY A 53 18.24 13.69 1.19
C GLY A 53 19.44 14.18 0.39
N PRO A 54 19.99 13.32 -0.49
CA PRO A 54 21.15 13.59 -1.35
C PRO A 54 21.04 14.91 -2.10
N LYS A 55 22.12 15.68 -2.28
CA LYS A 55 22.07 16.95 -3.00
C LYS A 55 22.35 16.67 -4.46
N HIS A 56 21.47 17.00 -5.42
CA HIS A 56 21.74 16.73 -6.82
C HIS A 56 21.91 18.11 -7.43
N THR A 57 22.96 18.84 -7.07
CA THR A 57 23.23 20.19 -7.55
C THR A 57 23.97 20.22 -8.88
N SER A 58 23.87 21.30 -9.66
CA SER A 58 24.57 21.39 -10.94
C SER A 58 25.49 22.60 -10.88
N LYS A 59 26.57 22.69 -11.66
CA LYS A 59 27.47 23.83 -11.61
C LYS A 59 26.87 25.07 -12.22
N LEU A 60 26.08 24.98 -13.29
CA LEU A 60 25.50 26.15 -13.94
C LEU A 60 25.09 27.24 -12.96
N PRO A 61 25.61 28.47 -13.15
CA PRO A 61 25.31 29.62 -12.30
C PRO A 61 23.85 30.02 -12.42
N TYR A 62 22.90 29.23 -11.91
CA TYR A 62 21.48 29.52 -12.01
C TYR A 62 20.90 30.19 -10.77
N LYS A 63 19.69 30.76 -10.83
CA LYS A 63 19.07 31.41 -9.69
C LYS A 63 18.55 30.31 -8.78
N ASN A 64 18.85 30.28 -7.48
CA ASN A 64 18.37 29.23 -6.61
C ASN A 64 17.05 29.59 -5.97
N VAL A 65 16.31 28.63 -5.42
CA VAL A 65 15.06 28.93 -4.74
C VAL A 65 14.70 27.83 -3.75
N LYS A 66 14.16 28.14 -2.57
CA LYS A 66 13.77 27.14 -1.58
C LYS A 66 12.25 27.12 -1.52
N ILE A 67 11.58 25.96 -1.47
CA ILE A 67 10.15 25.90 -1.41
C ILE A 67 9.83 25.28 -0.07
N GLU A 68 9.37 26.03 0.94
CA GLU A 68 9.09 25.47 2.25
C GLU A 68 7.63 25.12 2.44
N LEU A 69 7.25 23.84 2.55
CA LEU A 69 5.86 23.48 2.71
C LEU A 69 5.48 23.58 4.17
N LYS A 70 4.30 24.08 4.55
CA LYS A 70 3.92 24.16 5.96
C LYS A 70 3.49 22.76 6.40
N PHE A 71 4.44 21.81 6.46
CA PHE A 71 4.22 20.43 6.86
C PHE A 71 3.77 20.35 8.33
N PRO A 72 2.89 19.38 8.66
CA PRO A 72 2.32 18.41 7.76
C PRO A 72 0.92 18.82 7.32
N ASP A 73 0.47 20.05 7.55
CA ASP A 73 -0.87 20.46 7.14
C ASP A 73 -0.84 20.73 5.65
N GLU A 74 0.29 21.10 5.05
CA GLU A 74 0.33 21.37 3.63
C GLU A 74 1.19 20.37 2.88
N PHE A 75 0.78 19.85 1.72
CA PHE A 75 1.57 18.90 0.99
C PHE A 75 1.32 19.05 -0.49
N LEU A 76 2.23 18.65 -1.38
CA LEU A 76 2.05 18.77 -2.82
C LEU A 76 0.82 18.04 -3.31
N GLU A 77 -0.05 18.62 -4.12
CA GLU A 77 -1.22 17.90 -4.60
C GLU A 77 -1.08 17.87 -6.12
N SER A 78 -0.07 18.48 -6.72
CA SER A 78 0.10 18.48 -8.16
C SER A 78 1.52 18.80 -8.54
N VAL A 79 2.11 18.13 -9.53
CA VAL A 79 3.46 18.43 -9.97
C VAL A 79 3.35 18.53 -11.47
N SER A 80 3.74 19.61 -12.13
CA SER A 80 3.60 19.65 -13.56
C SER A 80 4.80 20.37 -14.11
N GLY A 81 5.08 20.34 -15.41
CA GLY A 81 6.24 21.05 -15.90
C GLY A 81 6.46 20.78 -17.37
N TYR A 82 7.57 21.23 -17.96
CA TYR A 82 7.85 21.02 -19.36
C TYR A 82 9.13 20.29 -19.60
N THR A 83 9.22 19.48 -20.63
CA THR A 83 10.43 18.75 -20.93
C THR A 83 10.77 18.98 -22.41
N GLY A 84 12.02 19.22 -22.78
CA GLY A 84 12.36 19.45 -24.16
C GLY A 84 13.86 19.56 -24.21
N PRO A 85 14.49 19.33 -25.36
CA PRO A 85 15.94 19.44 -25.39
C PRO A 85 16.46 20.85 -25.19
N PHE A 86 17.73 21.07 -24.85
CA PHE A 86 18.24 22.42 -24.63
C PHE A 86 19.34 22.76 -25.66
N SER A 87 19.28 23.89 -26.36
CA SER A 87 20.26 24.28 -27.37
C SER A 87 21.55 24.71 -26.71
N ALA A 88 21.56 25.88 -26.08
CA ALA A 88 22.70 26.45 -25.40
C ALA A 88 23.59 25.39 -24.80
N LEU A 89 23.09 24.38 -24.11
CA LEU A 89 23.94 23.37 -23.50
C LEU A 89 24.06 22.14 -24.38
N ALA A 90 24.68 22.22 -25.57
CA ALA A 90 24.87 21.14 -26.51
C ALA A 90 24.70 19.70 -26.05
N THR A 91 23.48 19.17 -26.01
CA THR A 91 23.25 17.80 -25.68
C THR A 91 22.00 17.60 -26.49
N PRO A 92 21.94 16.51 -27.26
CA PRO A 92 20.89 16.03 -28.15
C PRO A 92 19.66 15.55 -27.43
N THR A 93 19.70 15.23 -26.14
CA THR A 93 18.53 14.69 -25.47
C THR A 93 17.67 15.67 -24.66
N PRO A 94 16.38 15.33 -24.42
CA PRO A 94 15.46 16.17 -23.66
C PRO A 94 15.89 16.48 -22.23
N VAL A 95 15.43 17.56 -21.63
CA VAL A 95 15.82 17.97 -20.29
C VAL A 95 14.60 18.59 -19.61
N VAL A 96 14.43 18.57 -18.28
CA VAL A 96 13.24 19.20 -17.73
C VAL A 96 13.52 20.69 -17.81
N ARG A 97 12.83 21.44 -18.68
CA ARG A 97 13.04 22.85 -18.85
C ARG A 97 12.31 23.60 -17.76
N SER A 98 11.06 23.27 -17.44
CA SER A 98 10.30 23.97 -16.42
C SER A 98 9.72 23.02 -15.40
N LEU A 99 9.44 23.49 -14.19
CA LEU A 99 8.89 22.66 -13.14
C LEU A 99 7.95 23.58 -12.38
N THR A 100 6.75 23.17 -11.95
CA THR A 100 5.88 24.06 -11.17
C THR A 100 5.05 23.23 -10.18
N PHE A 101 5.07 23.56 -8.89
CA PHE A 101 4.35 22.79 -7.88
C PHE A 101 3.09 23.46 -7.36
N LYS A 102 2.09 22.71 -6.90
CA LYS A 102 0.82 23.23 -6.39
C LYS A 102 0.50 22.50 -5.08
N THR A 103 0.31 23.18 -3.94
CA THR A 103 0.00 22.49 -2.66
C THR A 103 -1.49 22.43 -2.35
N ASN A 104 -1.95 21.53 -1.47
CA ASN A 104 -3.37 21.41 -1.13
C ASN A 104 -3.89 22.70 -0.51
N LYS A 105 -3.03 23.59 0.00
CA LYS A 105 -3.48 24.83 0.61
C LYS A 105 -3.71 25.91 -0.46
N GLY A 106 -3.66 25.64 -1.76
CA GLY A 106 -3.90 26.69 -2.74
C GLY A 106 -2.61 27.33 -3.16
N ARG A 107 -1.51 27.18 -2.42
CA ARG A 107 -0.25 27.80 -2.79
C ARG A 107 0.35 27.17 -4.03
N THR A 108 0.67 27.92 -5.08
CA THR A 108 1.27 27.37 -6.27
C THR A 108 2.65 27.98 -6.39
N PHE A 109 3.73 27.23 -6.53
CA PHE A 109 5.04 27.83 -6.65
C PHE A 109 5.33 28.03 -8.14
N GLY A 110 4.99 29.21 -8.69
CA GLY A 110 5.18 29.58 -10.09
C GLY A 110 6.19 28.81 -10.90
N PRO A 111 5.90 28.62 -12.19
CA PRO A 111 6.79 27.88 -13.10
C PRO A 111 8.25 28.30 -13.06
N TYR A 112 9.20 27.41 -12.73
CA TYR A 112 10.61 27.77 -12.69
C TYR A 112 11.23 27.28 -13.99
N GLY A 113 12.00 28.09 -14.72
CA GLY A 113 12.58 27.60 -15.96
C GLY A 113 11.65 27.89 -17.11
N ASP A 114 12.14 27.96 -18.35
CA ASP A 114 11.30 28.26 -19.49
C ASP A 114 10.18 27.24 -19.69
N GLU A 115 8.95 27.64 -20.02
CA GLU A 115 7.86 26.72 -20.24
C GLU A 115 7.74 26.32 -21.70
N GLU A 116 8.69 25.60 -22.30
CA GLU A 116 8.58 25.20 -23.68
C GLU A 116 8.96 23.74 -23.82
N GLY A 117 8.45 23.00 -24.81
CA GLY A 117 8.78 21.60 -24.98
C GLY A 117 7.52 20.79 -24.81
N THR A 118 7.56 19.49 -24.57
CA THR A 118 6.33 18.74 -24.39
C THR A 118 5.86 18.81 -22.93
N TYR A 119 4.57 19.05 -22.66
CA TYR A 119 4.03 19.19 -21.30
C TYR A 119 3.78 17.91 -20.53
N PHE A 120 3.88 17.91 -19.20
CA PHE A 120 3.58 16.72 -18.41
C PHE A 120 2.94 17.25 -17.14
N ASN A 121 1.91 16.62 -16.58
CA ASN A 121 1.25 17.11 -15.40
C ASN A 121 0.71 15.96 -14.55
N LEU A 122 1.04 15.87 -13.25
CA LEU A 122 0.58 14.80 -12.38
C LEU A 122 -0.32 15.35 -11.28
N PRO A 123 -1.63 15.24 -11.48
CA PRO A 123 -2.59 15.73 -10.48
C PRO A 123 -2.76 14.65 -9.45
N ILE A 124 -2.57 14.87 -8.15
CA ILE A 124 -2.75 13.80 -7.19
C ILE A 124 -4.10 13.94 -6.52
N GLU A 125 -5.07 13.05 -6.74
CA GLU A 125 -6.39 13.18 -6.10
C GLU A 125 -6.38 12.50 -4.74
N ASN A 126 -5.62 11.42 -4.52
CA ASN A 126 -5.54 10.74 -3.23
C ASN A 126 -4.21 10.03 -3.15
N GLY A 127 -3.31 10.38 -2.24
CA GLY A 127 -2.02 9.71 -2.17
C GLY A 127 -0.99 10.74 -1.79
N LEU A 128 0.27 10.39 -1.55
CA LEU A 128 1.25 11.39 -1.15
C LEU A 128 2.53 11.25 -1.93
N ILE A 129 3.20 12.31 -2.39
CA ILE A 129 4.49 12.14 -3.07
C ILE A 129 5.40 11.86 -1.87
N VAL A 130 5.98 10.68 -1.74
CA VAL A 130 6.79 10.37 -0.59
C VAL A 130 8.27 10.30 -0.93
N GLY A 131 8.71 10.63 -2.14
CA GLY A 131 10.11 10.56 -2.46
C GLY A 131 10.38 10.89 -3.92
N PHE A 132 11.54 11.39 -4.30
CA PHE A 132 11.83 11.71 -5.69
C PHE A 132 12.84 10.78 -6.32
N LYS A 133 12.91 10.69 -7.63
CA LYS A 133 13.83 9.82 -8.32
C LYS A 133 14.19 10.61 -9.56
N GLY A 134 15.35 10.51 -10.18
CA GLY A 134 15.56 11.33 -11.37
C GLY A 134 16.94 11.22 -11.95
N ARG A 135 17.29 11.93 -13.03
CA ARG A 135 18.62 11.87 -13.63
C ARG A 135 19.21 13.28 -13.69
N THR A 136 20.44 13.51 -13.23
CA THR A 136 21.06 14.82 -13.28
C THR A 136 22.42 14.79 -13.99
N GLY A 137 22.80 15.78 -14.79
CA GLY A 137 24.09 15.78 -15.44
C GLY A 137 24.55 17.20 -15.17
N ASP A 138 24.36 18.15 -16.08
CA ASP A 138 24.72 19.54 -15.81
C ASP A 138 23.38 20.15 -15.46
N LEU A 139 22.25 19.56 -15.85
CA LEU A 139 20.92 20.06 -15.52
C LEU A 139 20.16 18.90 -14.96
N LEU A 140 18.83 18.99 -14.86
CA LEU A 140 17.99 17.91 -14.38
C LEU A 140 17.44 17.25 -15.64
N ASP A 141 18.03 16.16 -16.15
CA ASP A 141 17.56 15.51 -17.35
C ASP A 141 16.17 14.97 -17.16
N ALA A 142 15.83 14.32 -16.06
CA ALA A 142 14.49 13.79 -15.92
C ALA A 142 14.11 13.73 -14.46
N ILE A 143 12.84 13.63 -14.10
CA ILE A 143 12.45 13.57 -12.71
C ILE A 143 11.34 12.54 -12.51
N GLY A 144 11.33 11.77 -11.42
CA GLY A 144 10.32 10.76 -11.19
C GLY A 144 9.70 10.91 -9.81
N ILE A 145 8.70 10.12 -9.42
CA ILE A 145 8.05 10.27 -8.12
C ILE A 145 7.64 9.00 -7.40
N HIS A 146 7.75 8.91 -6.07
CA HIS A 146 7.34 7.74 -5.30
C HIS A 146 6.06 8.12 -4.59
N MET A 147 5.01 7.30 -4.56
CA MET A 147 3.77 7.68 -3.89
C MET A 147 3.29 6.64 -2.92
N SER A 148 2.45 7.00 -1.95
CA SER A 148 1.94 6.05 -0.95
C SER A 148 0.78 6.70 -0.19
N LEU A 149 -0.04 5.97 0.56
CA LEU A 149 -1.13 6.56 1.32
C LEU A 149 -0.62 7.08 2.67
N AYA B 1 -13.53 0.48 4.35
CA AYA B 1 -13.79 1.38 3.21
CB AYA B 1 -15.03 2.12 2.60
C AYA B 1 -12.34 1.19 2.94
O AYA B 1 -12.15 2.41 2.93
CT AYA B 1 -14.26 -0.10 5.30
OT AYA B 1 -15.01 -1.01 5.03
CM AYA B 1 -13.95 0.33 6.71
N SER B 2 -11.75 0.29 1.97
CA SER B 2 -10.32 0.52 1.85
C SER B 2 -10.00 1.42 0.67
N GLN B 3 -8.94 2.21 0.61
CA GLN B 3 -8.81 3.31 -0.34
C GLN B 3 -7.70 2.92 -1.31
N THR B 4 -7.45 3.62 -2.40
CA THR B 4 -6.39 3.26 -3.34
C THR B 4 -5.76 4.51 -3.91
N ILE B 5 -4.44 4.64 -4.06
CA ILE B 5 -3.87 5.87 -4.61
C ILE B 5 -4.64 6.24 -5.87
N THR B 6 -5.30 7.40 -5.93
CA THR B 6 -6.05 7.81 -7.10
C THR B 6 -5.30 8.94 -7.75
N VAL B 7 -5.01 8.91 -9.05
CA VAL B 7 -4.23 9.97 -9.66
C VAL B 7 -4.85 10.69 -10.82
N GLY B 8 -4.53 11.96 -10.99
CA GLY B 8 -5.04 12.75 -12.10
C GLY B 8 -6.48 13.22 -12.11
N SER B 9 -7.14 12.99 -13.23
CA SER B 9 -8.48 13.39 -13.60
C SER B 9 -8.02 14.36 -14.66
N TRP B 10 -7.61 13.90 -15.84
CA TRP B 10 -7.18 14.74 -16.93
C TRP B 10 -8.42 15.04 -17.77
N GLY B 11 -8.67 16.26 -18.23
CA GLY B 11 -9.86 16.50 -19.01
C GLY B 11 -10.68 17.61 -18.39
N GLY B 12 -11.93 17.87 -18.80
CA GLY B 12 -12.70 18.95 -18.21
C GLY B 12 -13.76 18.53 -17.21
N PRO B 13 -14.46 19.49 -16.61
CA PRO B 13 -15.52 19.26 -15.62
C PRO B 13 -16.87 19.00 -16.27
N GLY B 14 -16.98 18.90 -17.59
CA GLY B 14 -18.27 18.66 -18.20
C GLY B 14 -18.88 17.31 -17.92
N GLY B 15 -20.02 16.95 -18.50
CA GLY B 15 -20.64 15.67 -18.27
C GLY B 15 -20.84 15.24 -16.81
N ASN B 16 -21.23 13.99 -16.53
CA ASN B 16 -21.46 13.48 -15.16
C ASN B 16 -20.33 12.61 -14.68
N GLY B 17 -19.89 12.74 -13.44
CA GLY B 17 -18.82 11.91 -12.97
C GLY B 17 -19.16 10.46 -12.73
N TRP B 18 -18.17 9.59 -12.58
CA TRP B 18 -18.39 8.18 -12.33
C TRP B 18 -17.09 7.62 -11.80
N ASP B 19 -17.09 6.63 -10.94
CA ASP B 19 -15.86 6.04 -10.43
C ASP B 19 -16.18 4.56 -10.40
N GLU B 20 -15.56 3.71 -11.22
CA GLU B 20 -15.81 2.28 -11.23
C GLU B 20 -15.15 1.62 -10.03
N GLY B 21 -14.22 2.24 -9.32
CA GLY B 21 -13.63 1.61 -8.16
C GLY B 21 -12.36 0.82 -8.34
N SER B 22 -11.93 0.05 -7.35
CA SER B 22 -10.69 -0.71 -7.41
C SER B 22 -10.93 -2.18 -7.65
N TYR B 23 -10.07 -2.87 -8.41
CA TYR B 23 -10.24 -4.29 -8.66
C TYR B 23 -8.89 -4.96 -8.53
N THR B 24 -8.67 -6.17 -9.04
CA THR B 24 -7.39 -6.84 -8.91
C THR B 24 -6.52 -6.50 -10.09
N GLY B 25 -7.08 -6.16 -11.25
CA GLY B 25 -6.25 -5.86 -12.40
C GLY B 25 -7.12 -5.52 -13.58
N ILE B 26 -6.58 -5.37 -14.78
CA ILE B 26 -7.39 -5.02 -15.94
C ILE B 26 -7.28 -6.09 -17.00
N ARG B 27 -8.38 -6.55 -17.58
CA ARG B 27 -8.34 -7.58 -18.60
C ARG B 27 -8.68 -7.03 -19.98
N GLN B 28 -9.73 -6.23 -20.16
CA GLN B 28 -10.06 -5.75 -21.50
C GLN B 28 -10.54 -4.31 -21.46
N ILE B 29 -10.30 -3.48 -22.46
CA ILE B 29 -10.80 -2.10 -22.43
C ILE B 29 -11.64 -1.87 -23.67
N GLU B 30 -12.83 -1.27 -23.60
CA GLU B 30 -13.64 -1.02 -24.78
C GLU B 30 -13.89 0.46 -24.89
N LEU B 31 -13.61 1.13 -26.01
CA LEU B 31 -13.86 2.56 -26.10
C LEU B 31 -14.30 2.92 -27.51
N SER B 32 -15.08 3.97 -27.74
CA SER B 32 -15.49 4.35 -29.09
C SER B 32 -14.76 5.67 -29.41
N TYR B 33 -14.46 6.02 -30.65
CA TYR B 33 -13.74 7.26 -30.89
C TYR B 33 -13.97 7.77 -32.28
N LYS B 34 -13.61 9.02 -32.57
CA LYS B 34 -13.75 9.65 -33.87
C LYS B 34 -12.88 10.87 -33.73
N GLU B 35 -13.42 12.08 -33.51
CA GLU B 35 -12.63 13.28 -33.35
C GLU B 35 -12.27 13.36 -31.88
N ALA B 36 -12.88 12.56 -31.00
CA ALA B 36 -12.59 12.57 -29.58
C ALA B 36 -12.94 11.21 -29.02
N ILE B 37 -12.81 10.92 -27.73
CA ILE B 37 -13.15 9.62 -27.20
C ILE B 37 -14.60 9.64 -26.75
N GLY B 38 -15.47 8.71 -27.11
CA GLY B 38 -16.84 8.79 -26.65
C GLY B 38 -17.16 7.76 -25.58
N SER B 39 -17.43 6.50 -25.92
CA SER B 39 -17.74 5.46 -24.96
C SER B 39 -16.48 4.91 -24.28
N PHE B 40 -16.51 4.48 -23.03
CA PHE B 40 -15.33 3.96 -22.37
C PHE B 40 -15.78 3.04 -21.25
N SER B 41 -15.68 1.72 -21.39
CA SER B 41 -16.11 0.82 -20.34
C SER B 41 -15.00 -0.19 -20.23
N VAL B 42 -14.71 -0.80 -19.09
CA VAL B 42 -13.63 -1.77 -19.04
C VAL B 42 -13.96 -3.05 -18.28
N ILE B 43 -13.31 -4.18 -18.59
CA ILE B 43 -13.55 -5.44 -17.91
C ILE B 43 -12.36 -5.70 -17.01
N TYR B 44 -12.54 -5.68 -15.70
CA TYR B 44 -11.47 -5.86 -14.75
C TYR B 44 -11.22 -7.30 -14.38
N ASP B 45 -10.24 -7.60 -13.52
CA ASP B 45 -10.01 -8.94 -13.06
C ASP B 45 -10.35 -8.89 -11.58
N LEU B 46 -11.30 -9.64 -11.05
CA LEU B 46 -11.60 -9.59 -9.62
C LEU B 46 -11.09 -10.88 -8.99
N ASN B 47 -9.84 -10.95 -8.52
CA ASN B 47 -9.30 -12.14 -7.89
C ASN B 47 -9.29 -13.33 -8.86
N GLY B 48 -8.89 -13.18 -10.13
CA GLY B 48 -8.89 -14.33 -11.02
C GLY B 48 -10.06 -14.37 -11.99
N ASP B 49 -11.30 -14.04 -11.61
CA ASP B 49 -12.44 -14.06 -12.51
C ASP B 49 -12.61 -12.69 -13.15
N PRO B 50 -12.89 -12.66 -14.45
CA PRO B 50 -13.09 -11.38 -15.12
C PRO B 50 -14.33 -10.70 -14.59
N PHE B 51 -14.32 -9.41 -14.29
CA PHE B 51 -15.50 -8.72 -13.76
C PHE B 51 -15.77 -7.52 -14.67
N SER B 52 -16.91 -7.43 -15.36
CA SER B 52 -17.17 -6.30 -16.23
C SER B 52 -17.63 -5.11 -15.42
N GLY B 53 -16.99 -3.94 -15.49
CA GLY B 53 -17.45 -2.82 -14.71
C GLY B 53 -18.55 -2.07 -15.46
N PRO B 54 -19.07 -0.99 -14.85
CA PRO B 54 -20.13 -0.16 -15.42
C PRO B 54 -19.85 0.27 -16.87
N LYS B 55 -20.83 0.30 -17.76
CA LYS B 55 -20.61 0.71 -19.14
C LYS B 55 -20.77 2.23 -19.21
N HIS B 56 -19.80 3.01 -19.67
CA HIS B 56 -19.96 4.45 -19.75
C HIS B 56 -20.00 4.75 -21.24
N THR B 57 -21.03 4.29 -21.97
CA THR B 57 -21.15 4.47 -23.41
C THR B 57 -21.77 5.77 -23.85
N SER B 58 -21.51 6.31 -25.04
CA SER B 58 -22.09 7.59 -25.48
C SER B 58 -22.95 7.29 -26.71
N LYS B 59 -23.95 8.10 -27.08
CA LYS B 59 -24.76 7.80 -28.26
C LYS B 59 -24.03 8.16 -29.54
N LEU B 60 -23.10 9.11 -29.57
CA LEU B 60 -22.42 9.48 -30.80
C LEU B 60 -22.03 8.25 -31.62
N PRO B 61 -22.40 8.21 -32.91
CA PRO B 61 -22.10 7.09 -33.80
C PRO B 61 -20.59 7.01 -34.07
N TYR B 62 -19.75 6.64 -33.10
CA TYR B 62 -18.31 6.57 -33.27
C TYR B 62 -17.80 5.19 -33.61
N LYS B 63 -16.55 5.02 -34.05
CA LYS B 63 -15.99 3.73 -34.38
C LYS B 63 -15.64 3.04 -33.06
N ASN B 64 -16.06 1.80 -32.79
CA ASN B 64 -15.73 1.14 -31.51
C ASN B 64 -14.47 0.31 -31.59
N VAL B 65 -13.83 -0.06 -30.48
CA VAL B 65 -12.63 -0.87 -30.54
C VAL B 65 -12.41 -1.61 -29.22
N LYS B 66 -11.98 -2.87 -29.21
CA LYS B 66 -11.74 -3.63 -27.99
C LYS B 66 -10.27 -3.77 -27.77
N ILE B 67 -9.73 -3.57 -26.58
CA ILE B 67 -8.32 -3.72 -26.36
C ILE B 67 -8.20 -4.91 -25.43
N GLU B 68 -7.76 -6.08 -25.88
CA GLU B 68 -7.65 -7.25 -25.02
C GLU B 68 -6.23 -7.43 -24.51
N LEU B 69 -5.94 -7.28 -23.23
CA LEU B 69 -4.59 -7.45 -22.70
C LEU B 69 -4.33 -8.92 -22.41
N LYS B 70 -3.16 -9.49 -22.73
CA LYS B 70 -2.91 -10.89 -22.42
C LYS B 70 -2.66 -11.01 -20.91
N PHE B 71 -3.66 -10.76 -20.07
CA PHE B 71 -3.55 -10.83 -18.63
C PHE B 71 -3.24 -12.26 -18.19
N PRO B 72 -2.48 -12.42 -17.09
CA PRO B 72 -1.94 -11.36 -16.29
C PRO B 72 -0.48 -11.16 -16.66
N ASP B 73 0.03 -11.68 -17.78
CA ASP B 73 1.44 -11.49 -18.14
C ASP B 73 1.60 -10.10 -18.74
N GLU B 74 0.56 -9.51 -19.33
CA GLU B 74 0.69 -8.21 -19.92
C GLU B 74 -0.17 -7.22 -19.17
N PHE B 75 0.28 -6.00 -18.92
CA PHE B 75 -0.52 -5.02 -18.22
C PHE B 75 -0.12 -3.63 -18.66
N LEU B 76 -0.98 -2.63 -18.58
CA LEU B 76 -0.66 -1.26 -18.98
C LEU B 76 0.58 -0.73 -18.27
N GLU B 77 1.55 -0.12 -18.93
CA GLU B 77 2.69 0.42 -18.23
C GLU B 77 2.71 1.91 -18.55
N SER B 78 1.80 2.42 -19.39
CA SER B 78 1.77 3.83 -19.74
C SER B 78 0.40 4.24 -20.26
N VAL B 79 -0.13 5.39 -19.91
CA VAL B 79 -1.42 5.85 -20.41
C VAL B 79 -1.16 7.28 -20.84
N SER B 80 -1.41 7.70 -22.07
CA SER B 80 -1.16 9.08 -22.43
C SER B 80 -2.27 9.49 -23.36
N GLY B 81 -2.42 10.77 -23.68
CA GLY B 81 -3.49 11.16 -24.56
C GLY B 81 -3.60 12.67 -24.64
N TYR B 82 -4.61 13.22 -25.29
CA TYR B 82 -4.75 14.65 -25.43
C TYR B 82 -6.06 15.15 -24.87
N THR B 83 -6.12 16.36 -24.34
CA THR B 83 -7.35 16.90 -23.81
C THR B 83 -7.53 18.32 -24.37
N GLY B 84 -8.72 18.71 -24.83
CA GLY B 84 -8.93 20.03 -25.37
C GLY B 84 -10.41 20.15 -25.66
N PRO B 85 -10.96 21.36 -25.72
CA PRO B 85 -12.39 21.48 -26.00
C PRO B 85 -12.81 20.98 -27.38
N PHE B 86 -14.08 20.69 -27.64
CA PHE B 86 -14.48 20.20 -28.94
C PHE B 86 -15.46 21.18 -29.61
N SER B 87 -15.22 21.65 -30.83
CA SER B 87 -16.13 22.59 -31.50
C SER B 87 -17.43 21.91 -31.90
N ALA B 88 -17.39 21.05 -32.90
CA ALA B 88 -18.54 20.35 -33.41
C ALA B 88 -19.56 20.07 -32.34
N LEU B 89 -19.20 19.57 -31.17
CA LEU B 89 -20.18 19.28 -30.14
C LEU B 89 -20.28 20.44 -29.15
N ALA B 90 -20.77 21.63 -29.54
CA ALA B 90 -20.97 22.84 -28.73
C ALA B 90 -20.96 22.69 -27.24
N THR B 91 -19.82 22.64 -26.62
CA THR B 91 -19.69 22.61 -25.17
C THR B 91 -18.43 23.44 -25.06
N PRO B 92 -18.38 24.38 -24.12
CA PRO B 92 -17.27 25.29 -23.81
C PRO B 92 -16.11 24.60 -23.09
N THR B 93 -16.32 23.45 -22.45
CA THR B 93 -15.25 22.83 -21.67
C THR B 93 -14.41 21.74 -22.35
N PRO B 94 -13.18 21.49 -21.85
CA PRO B 94 -12.27 20.49 -22.39
C PRO B 94 -12.80 19.08 -22.40
N VAL B 95 -12.33 18.22 -23.29
CA VAL B 95 -12.79 16.86 -23.42
C VAL B 95 -11.58 15.98 -23.75
N VAL B 96 -11.52 14.70 -23.39
CA VAL B 96 -10.36 13.91 -23.77
C VAL B 96 -10.51 13.63 -25.28
N ARG B 97 -9.72 14.27 -26.14
CA ARG B 97 -9.79 14.11 -27.58
C ARG B 97 -9.09 12.82 -28.00
N SER B 98 -7.92 12.50 -27.47
CA SER B 98 -7.20 11.32 -27.86
C SER B 98 -6.77 10.50 -26.67
N LEU B 99 -6.61 9.20 -26.81
CA LEU B 99 -6.21 8.34 -25.72
C LEU B 99 -5.28 7.30 -26.36
N THR B 100 -4.16 6.93 -25.75
CA THR B 100 -3.30 5.91 -26.33
C THR B 100 -2.65 5.09 -25.22
N PHE B 101 -2.72 3.75 -25.25
CA PHE B 101 -2.18 2.89 -24.20
C PHE B 101 -0.92 2.14 -24.61
N LYS B 102 -0.04 1.76 -23.69
CA LYS B 102 1.18 1.01 -24.00
C LYS B 102 1.33 -0.08 -22.97
N THR B 103 1.50 -1.34 -23.33
CA THR B 103 1.63 -2.42 -22.36
C THR B 103 3.08 -2.79 -22.10
N ASN B 104 3.39 -3.49 -21.01
CA ASN B 104 4.75 -3.90 -20.67
C ASN B 104 5.30 -4.85 -21.74
N LYS B 105 4.49 -5.51 -22.56
CA LYS B 105 4.98 -6.40 -23.58
C LYS B 105 5.40 -5.64 -24.83
N GLY B 106 5.44 -4.31 -24.86
CA GLY B 106 5.84 -3.59 -26.05
C GLY B 106 4.65 -3.21 -26.92
N ARG B 107 3.48 -3.81 -26.73
CA ARG B 107 2.30 -3.51 -27.53
C ARG B 107 1.77 -2.14 -27.24
N THR B 108 1.62 -1.27 -28.22
CA THR B 108 1.09 0.05 -27.99
C THR B 108 -0.22 0.12 -28.76
N PHE B 109 -1.36 0.50 -28.18
CA PHE B 109 -2.60 0.57 -28.93
C PHE B 109 -2.75 1.99 -29.52
N GLY B 110 -2.25 2.22 -30.74
CA GLY B 110 -2.29 3.52 -31.42
C GLY B 110 -3.27 4.55 -30.95
N PRO B 111 -2.89 5.83 -31.00
CA PRO B 111 -3.73 6.94 -30.57
C PRO B 111 -5.17 6.91 -31.10
N TYR B 112 -6.21 6.84 -30.27
CA TYR B 112 -7.59 6.84 -30.76
C TYR B 112 -8.11 8.26 -30.64
N GLY B 113 -8.77 8.83 -31.64
CA GLY B 113 -9.27 10.19 -31.51
C GLY B 113 -8.23 11.18 -31.97
N ASP B 114 -8.58 12.40 -32.35
CA ASP B 114 -7.62 13.38 -32.82
C ASP B 114 -6.57 13.73 -31.80
N GLU B 115 -5.29 13.87 -32.16
CA GLU B 115 -4.26 14.20 -31.20
C GLU B 115 -4.03 15.69 -31.12
N GLU B 116 -4.98 16.50 -30.65
CA GLU B 116 -4.78 17.94 -30.54
C GLU B 116 -5.25 18.43 -29.18
N GLY B 117 -4.70 19.52 -28.63
CA GLY B 117 -5.12 20.01 -27.34
C GLY B 117 -3.93 19.96 -26.41
N THR B 118 -4.10 20.05 -25.09
CA THR B 118 -2.97 19.97 -24.19
C THR B 118 -2.62 18.50 -23.87
N TYR B 119 -1.35 18.08 -23.96
CA TYR B 119 -0.92 16.71 -23.73
C TYR B 119 -0.84 16.24 -22.29
N PHE B 120 -1.03 14.95 -21.99
CA PHE B 120 -0.91 14.43 -20.64
C PHE B 120 -0.34 13.03 -20.82
N ASN B 121 0.60 12.58 -20.01
CA ASN B 121 1.19 11.26 -20.16
C ASN B 121 1.54 10.64 -18.80
N LEU B 122 1.06 9.45 -18.44
CA LEU B 122 1.37 8.84 -17.16
C LEU B 122 2.21 7.58 -17.36
N PRO B 123 3.53 7.70 -17.17
CA PRO B 123 4.42 6.56 -17.35
C PRO B 123 4.43 5.79 -16.02
N ILE B 124 4.15 4.48 -15.96
CA ILE B 124 4.16 3.78 -14.69
C ILE B 124 5.44 2.96 -14.56
N GLU B 125 6.37 3.30 -13.67
CA GLU B 125 7.62 2.58 -13.52
C GLU B 125 7.42 1.45 -12.55
N ASN B 126 6.56 1.57 -11.54
CA ASN B 126 6.33 0.49 -10.60
C ASN B 126 4.94 0.64 -10.03
N GLY B 127 4.02 -0.28 -10.27
CA GLY B 127 2.70 -0.14 -9.73
C GLY B 127 1.70 -0.66 -10.74
N LEU B 128 0.41 -0.73 -10.45
CA LEU B 128 -0.57 -1.25 -11.39
C LEU B 128 -1.81 -0.37 -11.52
N ILE B 129 -2.34 -0.09 -12.73
CA ILE B 129 -3.56 0.68 -12.86
C ILE B 129 -4.60 -0.35 -12.42
N VAL B 130 -5.24 -0.18 -11.27
CA VAL B 130 -6.18 -1.14 -10.77
C VAL B 130 -7.63 -0.67 -10.90
N GLY B 131 -7.92 0.45 -11.54
CA GLY B 131 -9.29 0.90 -11.66
C GLY B 131 -9.38 2.24 -12.34
N PHE B 132 -10.48 2.57 -13.02
CA PHE B 132 -10.60 3.86 -13.69
C PHE B 132 -11.66 4.73 -13.03
N LYS B 133 -11.62 6.05 -13.23
CA LYS B 133 -12.54 6.99 -12.64
C LYS B 133 -12.71 8.03 -13.74
N GLY B 134 -13.83 8.71 -13.94
CA GLY B 134 -13.86 9.67 -15.02
C GLY B 134 -15.19 10.37 -15.16
N ARG B 135 -15.38 11.28 -16.12
CA ARG B 135 -16.64 11.99 -16.30
C ARG B 135 -17.13 11.78 -17.72
N THR B 136 -18.37 11.38 -17.95
CA THR B 136 -18.89 11.16 -19.28
C THR B 136 -20.18 11.92 -19.53
N GLY B 137 -20.41 12.51 -20.70
CA GLY B 137 -21.65 13.21 -20.97
C GLY B 137 -22.02 12.66 -22.33
N ASP B 138 -21.64 13.30 -23.43
CA ASP B 138 -21.93 12.77 -24.76
C ASP B 138 -20.57 12.19 -25.14
N LEU B 139 -19.47 12.66 -24.56
CA LEU B 139 -18.14 12.11 -24.85
C LEU B 139 -17.50 11.78 -23.52
N LEU B 140 -16.19 11.58 -23.49
CA LEU B 140 -15.49 11.30 -22.26
C LEU B 140 -14.89 12.64 -21.85
N ASP B 141 -15.52 13.41 -20.95
CA ASP B 141 -14.98 14.70 -20.54
C ASP B 141 -13.66 14.55 -19.86
N ALA B 142 -13.46 13.62 -18.93
CA ALA B 142 -12.19 13.50 -18.25
C ALA B 142 -11.93 12.07 -17.85
N ILE B 143 -10.70 11.65 -17.56
CA ILE B 143 -10.47 10.28 -17.16
C ILE B 143 -9.46 10.21 -16.01
N GLY B 144 -9.63 9.36 -15.00
CA GLY B 144 -8.71 9.32 -13.88
C GLY B 144 -8.23 7.91 -13.64
N ILE B 145 -7.35 7.65 -12.69
CA ILE B 145 -6.81 6.29 -12.49
C ILE B 145 -6.55 5.85 -11.04
N HIS B 146 -6.78 4.59 -10.67
CA HIS B 146 -6.50 4.10 -9.32
C HIS B 146 -5.25 3.25 -9.39
N MET B 147 -4.26 3.39 -8.52
CA MET B 147 -3.08 2.56 -8.62
C MET B 147 -2.74 1.79 -7.35
N SER B 148 -2.02 0.68 -7.40
CA SER B 148 -1.67 -0.12 -6.23
C SER B 148 -0.53 -1.10 -6.56
N LEU B 149 0.14 -1.74 -5.61
CA LEU B 149 1.22 -2.68 -5.93
C LEU B 149 0.63 -4.06 -6.15
N AYA C 1 2.25 12.93 5.80
CA AYA C 1 2.43 12.24 7.07
CB AYA C 1 2.63 12.66 8.55
C AYA C 1 2.03 11.07 6.20
O AYA C 1 1.07 10.79 6.91
CT AYA C 1 2.34 14.16 5.33
OT AYA C 1 2.99 14.99 5.95
CM AYA C 1 1.56 14.53 4.07
N SER C 2 2.96 10.05 5.65
CA SER C 2 2.31 8.84 5.18
C SER C 2 2.18 7.79 6.28
N GLN C 3 1.24 6.84 6.21
CA GLN C 3 0.91 5.97 7.31
C GLN C 3 1.33 4.54 6.94
N THR C 4 1.35 3.56 7.84
CA THR C 4 1.75 2.21 7.48
C THR C 4 0.88 1.21 8.26
N ILE C 5 0.38 0.12 7.69
CA ILE C 5 -0.42 -0.82 8.45
C ILE C 5 0.27 -1.13 9.78
N THR C 6 -0.32 -0.84 10.93
CA THR C 6 0.32 -1.11 12.20
C THR C 6 -0.43 -2.25 12.86
N VAL C 7 0.22 -3.32 13.30
CA VAL C 7 -0.51 -4.42 13.87
C VAL C 7 -0.14 -4.83 15.28
N GLY C 8 -1.11 -5.33 16.04
CA GLY C 8 -0.89 -5.79 17.38
C GLY C 8 -0.71 -4.81 18.52
N SER C 9 0.35 -5.02 19.30
CA SER C 9 0.75 -4.30 20.50
C SER C 9 0.46 -5.45 21.41
N TRP C 10 1.35 -6.43 21.51
CA TRP C 10 1.15 -7.59 22.36
C TRP C 10 1.85 -7.26 23.66
N GLY C 11 1.31 -7.57 24.84
CA GLY C 11 2.02 -7.25 26.06
C GLY C 11 1.15 -6.39 26.96
N GLY C 12 1.65 -5.74 28.00
CA GLY C 12 0.79 -4.93 28.86
C GLY C 12 0.94 -3.42 28.66
N PRO C 13 0.14 -2.60 29.37
CA PRO C 13 0.15 -1.13 29.31
C PRO C 13 1.21 -0.53 30.22
N GLY C 14 2.10 -1.31 30.85
CA GLY C 14 3.11 -0.75 31.73
C GLY C 14 4.18 0.08 31.04
N GLY C 15 5.23 0.56 31.73
CA GLY C 15 6.30 1.34 31.12
C GLY C 15 5.87 2.50 30.22
N ASN C 16 6.76 3.20 29.49
CA ASN C 16 6.34 4.31 28.60
C ASN C 16 6.32 3.85 27.17
N GLY C 17 5.38 4.32 26.34
CA GLY C 17 5.36 3.93 24.96
C GLY C 17 6.43 4.55 24.10
N TRP C 18 6.62 4.00 22.91
CA TRP C 18 7.60 4.50 21.96
C TRP C 18 7.22 3.96 20.59
N ASP C 19 7.47 4.68 19.50
CA ASP C 19 7.18 4.21 18.16
C ASP C 19 8.36 4.64 17.31
N GLU C 20 9.24 3.74 16.86
CA GLU C 20 10.38 4.11 16.07
C GLU C 20 9.94 4.53 14.67
N GLY C 21 8.73 4.23 14.21
CA GLY C 21 8.31 4.63 12.87
C GLY C 21 8.51 3.65 11.72
N SER C 22 8.40 4.07 10.47
CA SER C 22 8.54 3.20 9.30
C SER C 22 9.85 3.41 8.59
N TYR C 23 10.46 2.39 8.01
CA TYR C 23 11.72 2.53 7.29
C TYR C 23 11.63 1.68 6.03
N THR C 24 12.73 1.36 5.35
CA THR C 24 12.70 0.54 4.14
C THR C 24 12.78 -0.93 4.50
N GLY C 25 13.40 -1.33 5.60
CA GLY C 25 13.49 -2.73 5.95
C GLY C 25 14.23 -2.90 7.25
N ILE C 26 14.59 -4.11 7.67
CA ILE C 26 15.28 -4.32 8.92
C ILE C 26 16.61 -5.00 8.68
N ARG C 27 17.71 -4.54 9.28
CA ARG C 27 19.01 -5.12 9.07
C ARG C 27 19.50 -5.84 10.30
N GLN C 28 19.41 -5.29 11.50
CA GLN C 28 19.93 -5.95 12.69
C GLN C 28 19.03 -5.75 13.90
N ILE C 29 18.86 -6.70 14.81
CA ILE C 29 18.03 -6.51 15.99
C ILE C 29 18.86 -6.75 17.23
N GLU C 30 18.85 -5.87 18.25
CA GLU C 30 19.63 -6.08 19.47
C GLU C 30 18.68 -6.14 20.65
N LEU C 31 18.70 -7.17 21.49
CA LEU C 31 17.79 -7.22 22.61
C LEU C 31 18.48 -7.88 23.80
N SER C 32 18.13 -7.57 25.05
CA SER C 32 18.73 -8.20 26.21
C SER C 32 17.67 -9.09 26.83
N TYR C 33 17.98 -10.21 27.46
CA TYR C 33 16.95 -11.05 28.02
C TYR C 33 17.41 -11.87 29.18
N LYS C 34 16.50 -12.43 29.98
CA LYS C 34 16.81 -13.30 31.10
C LYS C 34 15.49 -13.98 31.41
N GLU C 35 14.69 -13.56 32.40
CA GLU C 35 13.42 -14.21 32.68
C GLU C 35 12.37 -13.55 31.79
N ALA C 36 12.70 -12.43 31.14
CA ALA C 36 11.79 -11.71 30.27
C ALA C 36 12.65 -10.91 29.29
N ILE C 37 12.10 -10.11 28.38
CA ILE C 37 12.90 -9.33 27.43
C ILE C 37 13.15 -7.94 28.01
N GLY C 38 14.37 -7.43 28.10
CA GLY C 38 14.56 -6.11 28.67
C GLY C 38 14.83 -5.05 27.63
N SER C 39 16.07 -4.89 27.15
CA SER C 39 16.41 -3.88 26.15
C SER C 39 16.00 -4.33 24.75
N PHE C 40 15.59 -3.43 23.85
CA PHE C 40 15.19 -3.80 22.50
C PHE C 40 15.40 -2.62 21.58
N SER C 41 16.42 -2.59 20.74
CA SER C 41 16.66 -1.48 19.83
C SER C 41 16.96 -2.14 18.49
N VAL C 42 16.64 -1.54 17.34
CA VAL C 42 16.92 -2.19 16.06
C VAL C 42 17.58 -1.29 15.01
N ILE C 43 18.37 -1.82 14.07
CA ILE C 43 19.02 -1.04 13.02
C ILE C 43 18.23 -1.27 11.74
N TYR C 44 17.54 -0.27 11.20
CA TYR C 44 16.74 -0.41 10.00
C TYR C 44 17.49 -0.14 8.74
N ASP C 45 16.88 -0.29 7.57
CA ASP C 45 17.54 0.03 6.34
C ASP C 45 16.79 1.23 5.83
N LEU C 46 17.43 2.37 5.58
CA LEU C 46 16.70 3.51 5.06
C LEU C 46 17.11 3.67 3.60
N ASN C 47 16.41 3.11 2.62
CA ASN C 47 16.76 3.26 1.22
C ASN C 47 18.16 2.76 0.93
N GLY C 48 18.61 1.62 1.44
CA GLY C 48 19.95 1.17 1.14
C GLY C 48 20.95 1.44 2.25
N ASP C 49 20.94 2.57 2.94
CA ASP C 49 21.90 2.80 4.02
C ASP C 49 21.32 2.34 5.35
N PRO C 50 22.14 1.68 6.17
CA PRO C 50 21.64 1.22 7.46
C PRO C 50 21.28 2.42 8.34
N PHE C 51 20.15 2.44 9.04
CA PHE C 51 19.80 3.56 9.88
C PHE C 51 19.56 3.02 11.27
N SER C 52 20.30 3.40 12.31
CA SER C 52 20.06 2.86 13.63
C SER C 52 18.91 3.61 14.28
N GLY C 53 17.84 2.94 14.74
CA GLY C 53 16.74 3.65 15.37
C GLY C 53 17.01 3.89 16.85
N PRO C 54 16.04 4.51 17.55
CA PRO C 54 16.14 4.82 18.98
C PRO C 54 16.53 3.62 19.83
N LYS C 55 17.39 3.76 20.84
CA LYS C 55 17.78 2.63 21.70
C LYS C 55 16.75 2.52 22.82
N HIS C 56 16.07 1.40 23.04
CA HIS C 56 15.10 1.28 24.12
C HIS C 56 15.72 0.27 25.07
N THR C 57 16.84 0.60 25.71
CA THR C 57 17.55 -0.28 26.61
C THR C 57 17.02 -0.27 28.03
N SER C 58 17.23 -1.32 28.83
CA SER C 58 16.75 -1.34 30.22
C SER C 58 17.97 -1.50 31.13
N LYS C 59 17.93 -1.11 32.40
CA LYS C 59 19.08 -1.25 33.29
C LYS C 59 19.31 -2.68 33.70
N LEU C 60 18.28 -3.50 33.87
CA LEU C 60 18.47 -4.88 34.29
C LEU C 60 19.69 -5.53 33.67
N PRO C 61 20.60 -6.08 34.50
CA PRO C 61 21.82 -6.75 34.05
C PRO C 61 21.46 -8.04 33.30
N TYR C 62 20.86 -7.98 32.10
CA TYR C 62 20.48 -9.15 31.34
C TYR C 62 21.50 -9.60 30.31
N LYS C 63 21.39 -10.80 29.73
CA LYS C 63 22.33 -11.25 28.73
C LYS C 63 21.95 -10.56 27.42
N ASN C 64 22.85 -9.89 26.69
CA ASN C 64 22.51 -9.21 25.43
C ASN C 64 22.69 -10.11 24.22
N VAL C 65 22.14 -9.79 23.05
CA VAL C 65 22.33 -10.62 21.88
C VAL C 65 22.05 -9.81 20.63
N LYS C 66 22.81 -9.99 19.54
CA LYS C 66 22.60 -9.24 18.33
C LYS C 66 22.02 -10.19 17.29
N ILE C 67 21.01 -9.81 16.51
CA ILE C 67 20.46 -10.69 15.50
C ILE C 67 20.75 -10.04 14.16
N GLU C 68 21.75 -10.49 13.40
CA GLU C 68 22.09 -9.90 12.11
C GLU C 68 21.40 -10.58 10.93
N LEU C 69 20.44 -9.94 10.25
CA LEU C 69 19.79 -10.57 9.11
C LEU C 69 20.64 -10.39 7.88
N LYS C 70 20.73 -11.36 6.97
CA LYS C 70 21.53 -11.22 5.76
C LYS C 70 20.71 -10.42 4.77
N PHE C 71 20.45 -9.14 5.05
CA PHE C 71 19.68 -8.21 4.22
C PHE C 71 20.38 -7.98 2.89
N PRO C 72 19.62 -7.82 1.80
CA PRO C 72 18.16 -7.84 1.77
C PRO C 72 17.63 -9.17 1.29
N ASP C 73 18.44 -10.23 1.19
CA ASP C 73 17.97 -11.54 0.73
C ASP C 73 17.24 -12.23 1.88
N GLU C 74 17.53 -11.93 3.15
CA GLU C 74 16.87 -12.55 4.28
C GLU C 74 16.04 -11.55 5.06
N PHE C 75 14.80 -11.85 5.46
CA PHE C 75 13.98 -10.90 6.22
C PHE C 75 13.06 -11.68 7.13
N LEU C 76 12.57 -11.11 8.23
CA LEU C 76 11.68 -11.80 9.17
C LEU C 76 10.42 -12.31 8.50
N GLU C 77 9.98 -13.55 8.68
CA GLU C 77 8.74 -14.00 8.04
C GLU C 77 7.83 -14.41 9.18
N SER C 78 8.25 -14.33 10.43
CA SER C 78 7.41 -14.73 11.54
C SER C 78 7.92 -14.13 12.83
N VAL C 79 7.07 -13.63 13.72
CA VAL C 79 7.49 -13.08 15.00
C VAL C 79 6.55 -13.71 16.02
N SER C 80 7.02 -14.39 17.05
CA SER C 80 6.12 -14.99 18.01
C SER C 80 6.75 -14.86 19.36
N GLY C 81 6.04 -15.08 20.45
CA GLY C 81 6.65 -14.95 21.75
C GLY C 81 5.63 -15.13 22.84
N TYR C 82 5.98 -14.87 24.10
CA TYR C 82 5.05 -15.04 25.21
C TYR C 82 4.85 -13.77 26.01
N THR C 83 3.66 -13.52 26.56
CA THR C 83 3.44 -12.34 27.33
C THR C 83 2.76 -12.74 28.63
N GLY C 84 3.15 -12.19 29.78
CA GLY C 84 2.56 -12.56 31.05
C GLY C 84 3.18 -11.67 32.10
N PRO C 85 2.55 -11.47 33.26
CA PRO C 85 3.14 -10.60 34.27
C PRO C 85 4.44 -11.14 34.86
N PHE C 86 5.30 -10.31 35.45
CA PHE C 86 6.54 -10.82 36.01
C PHE C 86 6.52 -10.67 37.53
N SER C 87 6.74 -11.70 38.35
CA SER C 87 6.72 -11.53 39.80
C SER C 87 8.00 -10.87 40.32
N ALA C 88 9.19 -11.44 40.15
CA ALA C 88 10.42 -10.84 40.66
C ALA C 88 10.41 -9.32 40.51
N LEU C 89 9.99 -8.74 39.40
CA LEU C 89 10.00 -7.28 39.23
C LEU C 89 8.63 -6.68 39.55
N ALA C 90 8.19 -6.72 40.83
CA ALA C 90 6.92 -6.19 41.31
C ALA C 90 6.17 -5.21 40.45
N THR C 91 5.39 -5.66 39.49
CA THR C 91 4.58 -4.78 38.70
C THR C 91 3.47 -5.77 38.40
N PRO C 92 2.21 -5.34 38.58
CA PRO C 92 0.94 -6.03 38.40
C PRO C 92 0.61 -6.33 36.94
N THR C 93 1.16 -5.61 35.97
CA THR C 93 0.82 -5.80 34.57
C THR C 93 1.69 -6.74 33.71
N PRO C 94 1.13 -7.25 32.59
CA PRO C 94 1.84 -8.17 31.70
C PRO C 94 3.10 -7.61 31.08
N VAL C 95 4.07 -8.43 30.72
CA VAL C 95 5.30 -8.02 30.14
C VAL C 95 5.67 -8.99 29.04
N VAL C 96 6.43 -8.67 28.00
CA VAL C 96 6.76 -9.68 27.00
C VAL C 96 7.84 -10.54 27.66
N ARG C 97 7.55 -11.79 28.05
CA ARG C 97 8.50 -12.68 28.72
C ARG C 97 9.42 -13.31 27.70
N SER C 98 8.94 -13.80 26.57
CA SER C 98 9.78 -14.42 25.57
C SER C 98 9.56 -13.83 24.20
N LEU C 99 10.55 -13.89 23.31
CA LEU C 99 10.42 -13.36 21.98
C LEU C 99 11.19 -14.33 21.09
N THR C 100 10.74 -14.71 19.90
CA THR C 100 11.53 -15.62 19.06
C THR C 100 11.30 -15.26 17.59
N PHE C 101 12.33 -15.04 16.77
CA PHE C 101 12.15 -14.66 15.37
C PHE C 101 12.44 -15.75 14.37
N LYS C 102 11.85 -15.75 13.18
CA LYS C 102 12.06 -16.79 12.17
C LYS C 102 12.27 -16.07 10.83
N THR C 103 13.36 -16.26 10.08
CA THR C 103 13.58 -15.58 8.80
C THR C 103 13.18 -16.45 7.60
N ASN C 104 12.93 -15.88 6.42
CA ASN C 104 12.55 -16.62 5.23
C ASN C 104 13.60 -17.62 4.84
N LYS C 105 14.87 -17.45 5.24
CA LYS C 105 15.95 -18.37 4.90
C LYS C 105 15.93 -19.60 5.81
N GLY C 106 14.95 -19.83 6.68
CA GLY C 106 14.96 -21.01 7.52
C GLY C 106 15.63 -20.75 8.86
N ARG C 107 16.39 -19.67 9.01
CA ARG C 107 17.05 -19.38 10.27
C ARG C 107 16.07 -19.00 11.36
N THR C 108 16.07 -19.64 12.51
CA THR C 108 15.15 -19.25 13.57
C THR C 108 16.02 -18.77 14.73
N PHE C 109 15.81 -17.61 15.32
CA PHE C 109 16.64 -17.16 16.44
C PHE C 109 15.97 -17.59 17.75
N GLY C 110 16.30 -18.79 18.25
CA GLY C 110 15.75 -19.38 19.46
C GLY C 110 15.07 -18.48 20.46
N PRO C 111 14.01 -18.98 21.13
CA PRO C 111 13.25 -18.21 22.11
C PRO C 111 14.13 -17.50 23.14
N TYR C 112 14.07 -16.17 23.28
CA TYR C 112 14.85 -15.45 24.28
C TYR C 112 13.94 -15.14 25.45
N GLY C 113 14.31 -15.39 26.70
CA GLY C 113 13.40 -15.10 27.79
C GLY C 113 12.54 -16.30 28.10
N ASP C 114 12.01 -16.46 29.31
CA ASP C 114 11.20 -17.62 29.65
C ASP C 114 9.97 -17.76 28.77
N GLU C 115 9.59 -18.96 28.34
CA GLU C 115 8.42 -19.14 27.50
C GLU C 115 7.18 -19.45 28.32
N GLU C 116 6.66 -18.54 29.15
CA GLU C 116 5.46 -18.79 29.94
C GLU C 116 4.51 -17.61 29.87
N GLY C 117 3.20 -17.80 29.99
CA GLY C 117 2.27 -16.69 29.90
C GLY C 117 1.36 -16.94 28.72
N THR C 118 0.62 -15.96 28.20
CA THR C 118 -0.25 -16.18 27.06
C THR C 118 0.53 -16.06 25.75
N TYR C 119 0.42 -16.99 24.82
CA TYR C 119 1.16 -17.00 23.56
C TYR C 119 0.67 -16.06 22.47
N PHE C 120 1.52 -15.54 21.59
CA PHE C 120 1.09 -14.68 20.50
C PHE C 120 2.00 -15.04 19.35
N ASN C 121 1.54 -15.11 18.11
CA ASN C 121 2.40 -15.49 17.00
C ASN C 121 1.97 -14.80 15.71
N LEU C 122 2.83 -14.05 15.02
CA LEU C 122 2.46 -13.36 13.77
C LEU C 122 3.17 -13.97 12.56
N PRO C 123 2.48 -14.85 11.82
CA PRO C 123 3.07 -15.47 10.64
C PRO C 123 2.90 -14.52 9.46
N ILE C 124 3.93 -14.07 8.77
CA ILE C 124 3.72 -13.15 7.65
C ILE C 124 3.75 -13.92 6.34
N GLU C 125 2.65 -14.07 5.60
CA GLU C 125 2.66 -14.81 4.34
C GLU C 125 3.04 -13.88 3.20
N ASN C 126 2.69 -12.60 3.23
CA ASN C 126 3.07 -11.66 2.19
C ASN C 126 3.16 -10.26 2.79
N GLY C 127 4.31 -9.60 2.81
CA GLY C 127 4.38 -8.28 3.40
C GLY C 127 5.70 -8.14 4.09
N LEU C 128 6.07 -6.99 4.64
CA LEU C 128 7.37 -6.85 5.29
C LEU C 128 7.27 -6.15 6.63
N ILE C 129 7.93 -6.59 7.70
CA ILE C 129 7.88 -5.85 8.97
C ILE C 129 8.78 -4.69 8.62
N VAL C 130 8.27 -3.47 8.54
CA VAL C 130 9.08 -2.32 8.17
C VAL C 130 9.40 -1.41 9.38
N GLY C 131 8.99 -1.73 10.61
CA GLY C 131 9.30 -0.86 11.72
C GLY C 131 8.70 -1.40 12.99
N PHE C 132 9.22 -1.07 14.18
CA PHE C 132 8.68 -1.57 15.45
C PHE C 132 8.06 -0.48 16.30
N LYS C 133 7.16 -0.83 17.22
CA LYS C 133 6.48 0.13 18.06
C LYS C 133 6.37 -0.60 19.39
N GLY C 134 6.39 0.01 20.57
CA GLY C 134 6.28 -0.79 21.78
C GLY C 134 6.34 0.02 23.04
N ARG C 135 6.28 -0.58 24.23
CA ARG C 135 6.34 0.15 25.48
C ARG C 135 7.47 -0.39 26.31
N THR C 136 8.36 0.44 26.87
CA THR C 136 9.46 -0.02 27.70
C THR C 136 9.51 0.69 29.05
N GLY C 137 9.80 0.00 30.16
CA GLY C 137 9.91 0.64 31.46
C GLY C 137 11.22 0.08 32.01
N ASP C 138 11.22 -1.02 32.74
CA ASP C 138 12.47 -1.60 33.21
C ASP C 138 12.62 -2.81 32.28
N LEU C 139 11.54 -3.27 31.63
CA LEU C 139 11.59 -4.37 30.68
C LEU C 139 10.84 -3.92 29.45
N LEU C 140 10.50 -4.84 28.55
CA LEU C 140 9.75 -4.52 27.35
C LEU C 140 8.31 -4.86 27.70
N ASP C 141 7.48 -3.91 28.14
CA ASP C 141 6.10 -4.22 28.48
C ASP C 141 5.32 -4.72 27.29
N ALA C 142 5.44 -4.13 26.11
CA ALA C 142 4.69 -4.61 24.98
C ALA C 142 5.44 -4.34 23.69
N ILE C 143 5.12 -4.98 22.57
CA ILE C 143 5.79 -4.73 21.32
C ILE C 143 4.79 -4.74 20.16
N GLY C 144 4.89 -3.83 19.20
CA GLY C 144 3.96 -3.77 18.08
C GLY C 144 4.71 -3.81 16.76
N ILE C 145 4.06 -3.83 15.61
CA ILE C 145 4.77 -3.91 14.33
C ILE C 145 4.19 -3.08 13.18
N HIS C 146 5.02 -2.53 12.28
CA HIS C 146 4.55 -1.78 11.12
C HIS C 146 4.78 -2.64 9.88
N MET C 147 3.83 -2.79 8.96
CA MET C 147 4.04 -3.63 7.79
C MET C 147 3.75 -2.94 6.47
N SER C 148 4.34 -3.39 5.37
CA SER C 148 4.13 -2.78 4.06
C SER C 148 4.63 -3.72 2.97
N LEU C 149 4.31 -3.52 1.68
CA LEU C 149 4.77 -4.41 0.62
C LEU C 149 6.11 -3.92 0.14
N AYA D 1 -2.00 -7.76 -11.49
CA AYA D 1 -2.28 -8.87 -10.53
CB AYA D 1 -2.43 -10.39 -10.71
C AYA D 1 -1.88 -7.82 -9.50
O AYA D 1 -0.97 -8.51 -9.12
CT AYA D 1 -1.84 -7.67 -12.79
OT AYA D 1 -1.42 -8.60 -13.41
CM AYA D 1 -2.16 -6.39 -13.49
N SER D 2 -2.96 -7.32 -8.68
CA SER D 2 -2.26 -6.54 -7.69
C SER D 2 -2.30 -7.23 -6.34
N GLN D 3 -1.40 -7.04 -5.37
CA GLN D 3 -1.20 -7.96 -4.27
C GLN D 3 -1.67 -7.25 -3.00
N THR D 4 -1.82 -7.92 -1.85
CA THR D 4 -2.26 -7.27 -0.64
C THR D 4 -1.51 -7.85 0.55
N ILE D 5 -1.03 -7.09 1.55
CA ILE D 5 -0.35 -7.70 2.68
C ILE D 5 -1.15 -8.89 3.19
N THR D 6 -0.64 -10.13 3.16
CA THR D 6 -1.40 -11.26 3.66
C THR D 6 -0.79 -11.69 4.98
N VAL D 7 -1.55 -11.92 6.04
CA VAL D 7 -0.96 -12.28 7.30
C VAL D 7 -1.44 -13.58 7.96
N GLY D 8 -0.56 -14.25 8.69
CA GLY D 8 -0.94 -15.46 9.37
C GLY D 8 -1.12 -16.74 8.60
N SER D 9 -2.24 -17.40 8.88
CA SER D 9 -2.68 -18.69 8.39
C SER D 9 -2.52 -19.36 9.72
N TRP D 10 -3.45 -19.19 10.65
CA TRP D 10 -3.38 -19.80 11.97
C TRP D 10 -4.15 -21.10 11.86
N GLY D 11 -3.68 -22.23 12.41
CA GLY D 11 -4.44 -23.47 12.28
C GLY D 11 -3.59 -24.57 11.67
N GLY D 12 -4.14 -25.70 11.23
CA GLY D 12 -3.31 -26.76 10.67
C GLY D 12 -3.35 -26.85 9.14
N PRO D 13 -2.57 -27.76 8.55
CA PRO D 13 -2.48 -27.99 7.11
C PRO D 13 -3.54 -28.95 6.61
N GLY D 14 -4.51 -29.37 7.43
CA GLY D 14 -5.52 -30.30 6.98
C GLY D 14 -6.47 -29.73 5.96
N GLY D 15 -7.49 -30.45 5.52
CA GLY D 15 -8.47 -29.95 4.55
C GLY D 15 -7.93 -29.33 3.27
N ASN D 16 -8.75 -28.65 2.44
CA ASN D 16 -8.30 -28.03 1.19
C ASN D 16 -8.15 -26.54 1.30
N GLY D 17 -7.10 -25.95 0.73
CA GLY D 17 -6.96 -24.52 0.82
C GLY D 17 -7.93 -23.71 -0.01
N TRP D 18 -8.09 -22.43 0.29
CA TRP D 18 -8.96 -21.54 -0.45
C TRP D 18 -8.54 -20.11 -0.17
N ASP D 19 -8.67 -19.17 -1.09
CA ASP D 19 -8.31 -17.78 -0.85
C ASP D 19 -9.40 -16.98 -1.53
N GLU D 20 -10.27 -16.27 -0.81
CA GLU D 20 -11.33 -15.51 -1.43
C GLU D 20 -10.79 -14.26 -2.07
N GLY D 21 -9.58 -13.80 -1.78
CA GLY D 21 -9.06 -12.61 -2.44
C GLY D 21 -9.23 -11.29 -1.73
N SER D 22 -8.99 -10.15 -2.40
CA SER D 22 -9.11 -8.84 -1.78
C SER D 22 -10.35 -8.11 -2.24
N TYR D 23 -10.99 -7.33 -1.39
CA TYR D 23 -12.19 -6.59 -1.74
C TYR D 23 -12.08 -5.19 -1.15
N THR D 24 -13.15 -4.39 -1.09
CA THR D 24 -13.04 -3.06 -0.53
C THR D 24 -13.25 -3.10 0.96
N GLY D 25 -13.99 -4.05 1.52
CA GLY D 25 -14.18 -4.09 2.95
C GLY D 25 -15.05 -5.27 3.33
N ILE D 26 -15.48 -5.42 4.57
CA ILE D 26 -16.29 -6.56 4.94
C ILE D 26 -17.64 -6.11 5.43
N ARG D 27 -18.73 -6.74 5.02
CA ARG D 27 -20.08 -6.35 5.43
C ARG D 27 -20.71 -7.38 6.35
N GLN D 28 -20.65 -8.68 6.06
CA GLN D 28 -21.29 -9.69 6.89
C GLN D 28 -20.46 -10.97 6.99
N ILE D 29 -20.43 -11.66 8.13
CA ILE D 29 -19.67 -12.89 8.26
C ILE D 29 -20.60 -14.02 8.69
N GLU D 30 -20.60 -15.19 8.03
CA GLU D 30 -21.48 -16.29 8.41
C GLU D 30 -20.60 -17.48 8.77
N LEU D 31 -20.78 -18.11 9.93
CA LEU D 31 -19.95 -19.24 10.29
C LEU D 31 -20.77 -20.22 11.12
N SER D 32 -20.49 -21.52 11.10
CA SER D 32 -21.21 -22.49 11.90
C SER D 32 -20.25 -22.98 12.97
N TYR D 33 -20.68 -23.34 14.18
CA TYR D 33 -19.73 -23.79 15.20
C TYR D 33 -20.34 -24.77 16.19
N LYS D 34 -19.52 -25.45 16.98
CA LYS D 34 -19.98 -26.37 18.00
C LYS D 34 -18.75 -26.58 18.87
N GLU D 35 -17.99 -27.65 18.72
CA GLU D 35 -16.78 -27.87 19.51
C GLU D 35 -15.64 -27.19 18.75
N ALA D 36 -15.85 -26.80 17.49
CA ALA D 36 -14.84 -26.13 16.67
C ALA D 36 -15.55 -25.28 15.63
N ILE D 37 -14.87 -24.58 14.72
CA ILE D 37 -15.56 -23.78 13.73
C ILE D 37 -15.77 -24.62 12.48
N GLY D 38 -16.95 -24.70 11.89
CA GLY D 38 -17.10 -25.52 10.70
C GLY D 38 -17.23 -24.71 9.44
N SER D 39 -18.41 -24.21 9.09
CA SER D 39 -18.62 -23.43 7.87
C SER D 39 -18.09 -22.02 8.02
N PHE D 40 -17.60 -21.35 6.98
CA PHE D 40 -17.11 -19.99 7.13
C PHE D 40 -17.19 -19.30 5.77
N SER D 41 -18.13 -18.41 5.52
CA SER D 41 -18.23 -17.73 4.24
C SER D 41 -18.47 -16.29 4.58
N VAL D 42 -18.05 -15.30 3.79
CA VAL D 42 -18.28 -13.91 4.15
C VAL D 42 -18.81 -13.04 3.01
N ILE D 43 -19.54 -11.96 3.30
CA ILE D 43 -20.07 -11.06 2.28
C ILE D 43 -19.24 -9.79 2.29
N TYR D 44 -18.42 -9.52 1.28
CA TYR D 44 -17.57 -8.35 1.24
C TYR D 44 -18.26 -7.14 0.68
N ASP D 45 -17.57 -6.00 0.58
CA ASP D 45 -18.10 -4.80 0.00
C ASP D 45 -17.23 -4.61 -1.24
N LEU D 46 -17.75 -4.55 -2.45
CA LEU D 46 -16.90 -4.34 -3.60
C LEU D 46 -17.20 -2.93 -4.11
N ASN D 47 -16.49 -1.89 -3.67
CA ASN D 47 -16.73 -0.53 -4.13
C ASN D 47 -18.14 -0.04 -3.81
N GLY D 48 -18.70 -0.29 -2.62
CA GLY D 48 -20.04 0.19 -2.34
C GLY D 48 -21.09 -0.90 -2.43
N ASP D 49 -21.07 -1.80 -3.40
CA ASP D 49 -22.08 -2.86 -3.50
C ASP D 49 -21.61 -4.10 -2.75
N PRO D 50 -22.52 -4.72 -2.01
CA PRO D 50 -22.16 -5.92 -1.27
C PRO D 50 -21.79 -7.05 -2.24
N PHE D 51 -20.73 -7.81 -2.00
CA PHE D 51 -20.34 -8.87 -2.91
C PHE D 51 -20.21 -10.14 -2.07
N SER D 52 -21.00 -11.19 -2.26
CA SER D 52 -20.88 -12.40 -1.45
C SER D 52 -19.72 -13.25 -1.96
N GLY D 53 -18.72 -13.59 -1.14
CA GLY D 53 -17.63 -14.40 -1.65
C GLY D 53 -18.00 -15.87 -1.63
N PRO D 54 -17.07 -16.76 -2.02
CA PRO D 54 -17.24 -18.22 -2.08
C PRO D 54 -17.75 -18.81 -0.77
N LYS D 55 -18.67 -19.77 -0.76
CA LYS D 55 -19.18 -20.35 0.47
C LYS D 55 -18.25 -21.47 0.91
N HIS D 56 -17.65 -21.47 2.10
CA HIS D 56 -16.78 -22.56 2.52
C HIS D 56 -17.54 -23.25 3.63
N THR D 57 -18.66 -23.92 3.33
CA THR D 57 -19.51 -24.58 4.32
C THR D 57 -19.08 -26.01 4.64
N SER D 58 -19.42 -26.57 5.80
CA SER D 58 -19.05 -27.93 6.14
C SER D 58 -20.34 -28.72 6.39
N LYS D 59 -20.36 -30.05 6.27
CA LYS D 59 -21.59 -30.82 6.48
C LYS D 59 -21.94 -30.91 7.94
N LEU D 60 -20.99 -30.96 8.86
CA LEU D 60 -21.29 -31.09 10.28
C LEU D 60 -22.50 -30.28 10.71
N PRO D 61 -23.49 -30.94 11.34
CA PRO D 61 -24.72 -30.29 11.81
C PRO D 61 -24.42 -29.31 12.95
N TYR D 62 -23.74 -28.19 12.70
CA TYR D 62 -23.39 -27.22 13.72
C TYR D 62 -24.35 -26.06 13.85
N LYS D 63 -24.29 -25.27 14.90
CA LYS D 63 -25.17 -24.13 15.08
C LYS D 63 -24.65 -23.01 14.19
N ASN D 64 -25.46 -22.39 13.31
CA ASN D 64 -24.97 -21.32 12.45
C ASN D 64 -25.11 -19.95 13.08
N VAL D 65 -24.46 -18.91 12.56
CA VAL D 65 -24.60 -17.57 13.10
C VAL D 65 -24.19 -16.50 12.08
N LYS D 66 -24.91 -15.39 11.95
CA LYS D 66 -24.56 -14.34 11.02
C LYS D 66 -23.99 -13.16 11.78
N ILE D 67 -22.90 -12.55 11.36
CA ILE D 67 -22.34 -11.41 12.07
C ILE D 67 -22.50 -10.23 11.14
N GLU D 68 -23.47 -9.34 11.34
CA GLU D 68 -23.66 -8.19 10.45
C GLU D 68 -22.95 -6.95 10.95
N LEU D 69 -21.90 -6.44 10.30
CA LEU D 69 -21.21 -5.24 10.76
C LEU D 69 -21.95 -4.01 10.29
N LYS D 70 -22.05 -2.92 11.05
CA LYS D 70 -22.74 -1.72 10.57
C LYS D 70 -21.80 -0.98 9.64
N PHE D 71 -21.48 -1.54 8.47
CA PHE D 71 -20.58 -0.96 7.47
C PHE D 71 -21.17 0.32 6.92
N PRO D 72 -20.30 1.29 6.56
CA PRO D 72 -18.85 1.21 6.72
C PRO D 72 -18.41 1.95 7.97
N ASP D 73 -19.28 2.30 8.92
CA ASP D 73 -18.87 3.02 10.13
C ASP D 73 -18.25 2.01 11.09
N GLU D 74 -18.61 0.73 11.03
CA GLU D 74 -18.08 -0.29 11.92
C GLU D 74 -17.23 -1.30 11.16
N PHE D 75 -16.06 -1.69 11.65
CA PHE D 75 -15.23 -2.66 10.94
C PHE D 75 -14.41 -3.43 11.96
N LEU D 76 -14.00 -4.67 11.67
CA LEU D 76 -13.22 -5.49 12.59
C LEU D 76 -11.95 -4.80 13.04
N GLU D 77 -11.63 -4.74 14.33
CA GLU D 77 -10.39 -4.10 14.76
C GLU D 77 -9.56 -5.17 15.47
N SER D 78 -10.09 -6.38 15.64
CA SER D 78 -9.37 -7.46 16.31
C SER D 78 -9.91 -8.83 15.92
N VAL D 79 -9.09 -9.83 15.67
CA VAL D 79 -9.57 -11.15 15.35
C VAL D 79 -8.75 -12.05 16.24
N SER D 80 -9.34 -12.90 17.07
CA SER D 80 -8.55 -13.77 17.92
C SER D 80 -9.26 -15.10 18.02
N GLY D 81 -8.65 -16.16 18.54
CA GLY D 81 -9.35 -17.42 18.62
C GLY D 81 -8.41 -18.51 19.09
N TYR D 82 -8.80 -19.79 19.05
CA TYR D 82 -7.96 -20.88 19.49
C TYR D 82 -7.74 -21.92 18.42
N THR D 83 -6.60 -22.60 18.37
CA THR D 83 -6.36 -23.61 17.37
C THR D 83 -5.82 -24.83 18.09
N GLY D 84 -6.27 -26.05 17.76
CA GLY D 84 -5.78 -27.24 18.44
C GLY D 84 -6.40 -28.42 17.71
N PRO D 85 -5.83 -29.62 17.81
CA PRO D 85 -6.42 -30.74 17.10
C PRO D 85 -7.79 -31.13 17.63
N PHE D 86 -8.62 -31.88 16.89
CA PHE D 86 -9.93 -32.24 17.39
C PHE D 86 -10.01 -33.77 17.53
N SER D 87 -10.45 -34.33 18.67
CA SER D 87 -10.54 -35.76 18.90
C SER D 87 -11.69 -36.36 18.13
N ALA D 88 -12.92 -36.06 18.55
CA ALA D 88 -14.14 -36.55 17.95
C ALA D 88 -14.04 -36.72 16.46
N LEU D 89 -13.52 -35.76 15.71
CA LEU D 89 -13.43 -35.91 14.27
C LEU D 89 -12.03 -36.42 13.92
N ALA D 90 -11.63 -37.67 14.22
CA ALA D 90 -10.34 -38.31 13.96
C ALA D 90 -9.59 -37.64 12.82
N THR D 91 -8.59 -36.85 13.08
CA THR D 91 -7.68 -36.22 12.17
C THR D 91 -6.66 -35.78 13.18
N PRO D 92 -5.39 -36.09 12.91
CA PRO D 92 -4.15 -35.85 13.66
C PRO D 92 -3.76 -34.36 13.65
N THR D 93 -4.20 -33.52 12.73
CA THR D 93 -3.73 -32.15 12.65
C THR D 93 -4.62 -31.11 13.33
N PRO D 94 -4.06 -29.93 13.69
CA PRO D 94 -4.78 -28.82 14.34
C PRO D 94 -5.93 -28.23 13.55
N VAL D 95 -6.91 -27.65 14.21
CA VAL D 95 -8.09 -27.10 13.58
C VAL D 95 -8.45 -25.81 14.29
N VAL D 96 -9.08 -24.81 13.69
CA VAL D 96 -9.43 -23.63 14.46
C VAL D 96 -10.63 -24.06 15.32
N ARG D 97 -10.47 -24.19 16.65
CA ARG D 97 -11.53 -24.61 17.56
C ARG D 97 -12.43 -23.43 17.90
N SER D 98 -11.87 -22.26 18.19
CA SER D 98 -12.68 -21.10 18.54
C SER D 98 -12.32 -19.88 17.72
N LEU D 99 -13.24 -18.95 17.53
CA LEU D 99 -12.98 -17.75 16.75
C LEU D 99 -13.76 -16.66 17.46
N THR D 100 -13.24 -15.44 17.63
CA THR D 100 -14.00 -14.38 18.28
C THR D 100 -13.62 -13.04 17.66
N PHE D 101 -14.58 -12.21 17.22
CA PHE D 101 -14.30 -10.93 16.57
C PHE D 101 -14.60 -9.72 17.44
N LYS D 102 -13.94 -8.58 17.25
CA LYS D 102 -14.15 -7.36 18.02
C LYS D 102 -14.21 -6.21 17.01
N THR D 103 -15.23 -5.35 16.98
CA THR D 103 -15.30 -4.24 16.03
C THR D 103 -14.88 -2.92 16.68
N ASN D 104 -14.51 -1.89 15.90
CA ASN D 104 -14.11 -0.60 16.45
C ASN D 104 -15.23 0.03 17.23
N LYS D 105 -16.49 -0.36 17.09
CA LYS D 105 -17.59 0.25 17.83
C LYS D 105 -17.74 -0.38 19.21
N GLY D 106 -16.84 -1.24 19.69
CA GLY D 106 -16.98 -1.82 21.01
C GLY D 106 -17.72 -3.15 20.95
N ARG D 107 -18.40 -3.49 19.85
CA ARG D 107 -19.14 -4.75 19.75
C ARG D 107 -18.21 -5.93 19.65
N THR D 108 -18.32 -6.94 20.51
CA THR D 108 -17.46 -8.10 20.43
C THR D 108 -18.37 -9.28 20.14
N PHE D 109 -18.13 -10.11 19.13
CA PHE D 109 -19.00 -11.24 18.86
C PHE D 109 -18.45 -12.46 19.59
N GLY D 110 -18.88 -12.68 20.84
CA GLY D 110 -18.48 -13.78 21.70
C GLY D 110 -17.82 -14.98 21.07
N PRO D 111 -16.86 -15.60 21.78
CA PRO D 111 -16.13 -16.77 21.29
C PRO D 111 -17.01 -17.87 20.73
N TYR D 112 -16.86 -18.28 19.46
CA TYR D 112 -17.68 -19.34 18.91
C TYR D 112 -16.82 -20.59 18.92
N GLY D 113 -17.30 -21.74 19.37
CA GLY D 113 -16.46 -22.93 19.39
C GLY D 113 -15.71 -23.03 20.69
N ASP D 114 -15.30 -24.20 21.15
CA ASP D 114 -14.57 -24.34 22.39
C ASP D 114 -13.29 -23.52 22.45
N GLU D 115 -12.95 -22.87 23.56
CA GLU D 115 -11.73 -22.08 23.66
C GLU D 115 -10.58 -22.90 24.21
N GLU D 116 -10.08 -23.93 23.52
CA GLU D 116 -8.97 -24.70 24.04
C GLU D 116 -7.94 -24.92 22.96
N GLY D 117 -6.66 -25.08 23.28
CA GLY D 117 -5.66 -25.28 22.26
C GLY D 117 -4.67 -24.13 22.35
N THR D 118 -3.85 -23.86 21.34
CA THR D 118 -2.91 -22.75 21.42
C THR D 118 -3.60 -21.46 20.98
N TYR D 119 -3.47 -20.35 21.70
CA TYR D 119 -4.11 -19.07 21.41
C TYR D 119 -3.48 -18.22 20.32
N PHE D 120 -4.25 -17.44 19.55
CA PHE D 120 -3.69 -16.58 18.53
C PHE D 120 -4.54 -15.33 18.56
N ASN D 121 -3.98 -14.13 18.42
CA ASN D 121 -4.77 -12.91 18.49
C ASN D 121 -4.19 -11.81 17.60
N LEU D 122 -4.95 -11.23 16.66
CA LEU D 122 -4.45 -10.18 15.78
C LEU D 122 -5.12 -8.86 16.07
N PRO D 123 -4.45 -7.99 16.83
CA PRO D 123 -5.01 -6.68 17.17
C PRO D 123 -4.72 -5.74 16.03
N ILE D 124 -5.66 -5.07 15.38
CA ILE D 124 -5.31 -4.19 14.28
C ILE D 124 -5.29 -2.76 14.76
N GLU D 125 -4.14 -2.07 14.84
CA GLU D 125 -4.10 -0.69 15.29
C GLU D 125 -4.33 0.26 14.13
N ASN D 126 -3.93 -0.06 12.91
CA ASN D 126 -4.14 0.81 11.75
C ASN D 126 -4.17 -0.05 10.52
N GLY D 127 -5.28 -0.17 9.79
CA GLY D 127 -5.32 -0.99 8.60
C GLY D 127 -6.68 -1.62 8.50
N LEU D 128 -7.02 -2.34 7.43
CA LEU D 128 -8.34 -2.95 7.29
C LEU D 128 -8.28 -4.42 6.88
N ILE D 129 -9.05 -5.34 7.48
CA ILE D 129 -9.04 -6.72 7.05
C ILE D 129 -9.80 -6.61 5.75
N VAL D 130 -9.19 -6.77 4.59
CA VAL D 130 -9.89 -6.61 3.34
C VAL D 130 -10.18 -7.95 2.66
N GLY D 131 -9.91 -9.10 3.27
CA GLY D 131 -10.20 -10.35 2.60
C GLY D 131 -9.77 -11.51 3.45
N PHE D 132 -10.36 -12.70 3.32
CA PHE D 132 -9.97 -13.87 4.11
C PHE D 132 -9.33 -14.94 3.24
N LYS D 133 -8.56 -15.83 3.82
CA LYS D 133 -7.88 -16.89 3.09
C LYS D 133 -7.91 -18.05 4.08
N GLY D 134 -7.91 -19.32 3.70
CA GLY D 134 -7.92 -20.36 4.71
C GLY D 134 -8.01 -21.78 4.19
N ARG D 135 -8.11 -22.81 5.04
CA ARG D 135 -8.21 -24.19 4.59
C ARG D 135 -9.46 -24.83 5.21
N THR D 136 -10.33 -25.50 4.45
CA THR D 136 -11.53 -26.14 5.00
C THR D 136 -11.62 -27.60 4.57
N GLY D 137 -12.05 -28.53 5.42
CA GLY D 137 -12.20 -29.92 5.02
C GLY D 137 -13.56 -30.26 5.58
N ASP D 138 -13.69 -30.78 6.80
CA ASP D 138 -14.99 -31.03 7.37
C ASP D 138 -15.16 -29.87 8.35
N LEU D 139 -14.07 -29.22 8.78
CA LEU D 139 -14.16 -28.06 9.67
C LEU D 139 -13.32 -26.97 9.04
N LEU D 140 -12.94 -25.95 9.79
CA LEU D 140 -12.12 -24.87 9.30
C LEU D 140 -10.73 -25.22 9.80
N ASP D 141 -9.86 -25.86 9.02
CA ASP D 141 -8.53 -26.23 9.47
C ASP D 141 -7.71 -25.01 9.81
N ALA D 142 -7.70 -23.95 9.01
CA ALA D 142 -6.90 -22.80 9.32
C ALA D 142 -7.55 -21.55 8.76
N ILE D 143 -7.20 -20.35 9.20
CA ILE D 143 -7.78 -19.12 8.65
C ILE D 143 -6.72 -18.03 8.49
N GLY D 144 -6.70 -17.27 7.39
CA GLY D 144 -5.70 -16.24 7.16
C GLY D 144 -6.32 -14.90 6.86
N ILE D 145 -5.57 -13.82 6.69
CA ILE D 145 -6.17 -12.53 6.45
C ILE D 145 -5.47 -11.61 5.46
N HIS D 146 -6.18 -10.78 4.70
CA HIS D 146 -5.57 -9.84 3.77
C HIS D 146 -5.78 -8.45 4.36
N MET D 147 -4.79 -7.56 4.40
CA MET D 147 -4.96 -6.23 4.97
C MET D 147 -4.52 -5.09 4.05
N SER D 148 -5.05 -3.88 4.22
CA SER D 148 -4.69 -2.75 3.36
C SER D 148 -5.17 -1.48 4.01
N LEU D 149 -4.75 -0.27 3.58
CA LEU D 149 -5.21 0.99 4.17
C LEU D 149 -6.49 1.44 3.49
C1 MMA E . 25.80 17.07 -19.19
C2 MMA E . 25.93 15.51 -19.16
C3 MMA E . 25.00 14.88 -20.20
C4 MMA E . 23.56 15.30 -19.90
C5 MMA E . 23.46 16.82 -19.93
C6 MMA E . 22.05 17.28 -19.57
C7 MMA E . 26.41 18.23 -21.58
O1 MMA E . 26.53 17.58 -20.25
O2 MMA E . 25.67 15.01 -17.87
O3 MMA E . 25.10 13.47 -20.16
O4 MMA E . 22.68 14.72 -20.85
O5 MMA E . 24.37 17.39 -18.97
O6 MMA E . 21.86 17.42 -18.16
C1 MMA F . -22.92 16.69 -23.23
C2 MMA F . -23.19 17.05 -21.74
C3 MMA F . -22.19 18.12 -21.28
C4 MMA F . -20.76 17.63 -21.48
C5 MMA F . -20.53 17.28 -22.95
C6 MMA F . -19.14 16.72 -23.15
C7 MMA F . -23.20 18.79 -24.90
O1 MMA F . -23.49 17.66 -24.01
O2 MMA F . -23.13 15.94 -20.88
O3 MMA F . -22.43 18.42 -19.92
O4 MMA F . -19.82 18.62 -21.08
O5 MMA F . -21.49 16.27 -23.36
O6 MMA F . -19.09 15.29 -22.94
C1 MMA G . 9.08 -0.35 35.56
C2 MMA G . 8.10 0.76 35.19
C3 MMA G . 6.68 0.19 35.11
C4 MMA G . 6.60 -0.93 34.09
C5 MMA G . 7.58 -2.03 34.48
C6 MMA G . 7.57 -3.16 33.45
C7 MMA G . 8.61 -1.52 37.94
O1 MMA G . 9.03 -0.55 36.92
O2 MMA G . 8.45 1.33 33.95
O3 MMA G . 5.80 1.24 34.75
O4 MMA G . 5.29 -1.46 34.02
O5 MMA G . 8.92 -1.46 34.57
O6 MMA G . 8.51 -2.93 32.38
C1 MMA H . -11.72 -33.77 6.84
C2 MMA H . -10.64 -33.69 5.75
C3 MMA H . -9.26 -33.60 6.41
C4 MMA H . -9.18 -32.39 7.32
C5 MMA H . -10.27 -32.47 8.38
C6 MMA H . -10.27 -31.23 9.25
C7 MMA H . -11.49 -35.90 8.51
O1 MMA H . -11.75 -35.07 7.32
O2 MMA H . -10.84 -32.59 4.91
O3 MMA H . -8.27 -33.51 5.40
O4 MMA H . -7.91 -32.31 7.94
O5 MMA H . -11.58 -32.57 7.71
O6 MMA H . -11.11 -30.20 8.73
#